data_2PQ9
#
_entry.id   2PQ9
#
_cell.length_a   58.157
_cell.length_b   85.101
_cell.length_c   87.644
_cell.angle_alpha   90.00
_cell.angle_beta   90.00
_cell.angle_gamma   90.00
#
_symmetry.space_group_name_H-M   'P 21 21 21'
#
loop_
_entity.id
_entity.type
_entity.pdbx_description
1 polymer '3-phosphoshikimate 1-carboxyvinyltransferase'
2 non-polymer '(3R,4S,5R)-5-[(1R)-1-CARBOXY-2,2-DIFLUORO-1-(PHOSPHONOOXY)ETHOXY]-4-HYDROXY-3-(PHOSPHONOOXY)CYCLOHEX-1-ENE-1-CARBOXYLIC ACID'
3 non-polymer 'FORMIC ACID'
4 water water
#
_entity_poly.entity_id   1
_entity_poly.type   'polypeptide(L)'
_entity_poly.pdbx_seq_one_letter_code
;MESLTLQPIARVDGTINLPGSKSVSNRALLLAALAHGKTVLTNLLDSDDVRHMLNALTALGVSYTLSADRTRCEIIGNGG
PLHAEGALELFLGNAGTAMRPLAAALCLGSNDIVLTGEPRMKERPIGHLVDALRLGGAKITYLEQENYPPLRLQGGFTGG
NVDVDGSVSSQFLTALLMTAPLAPEDTVIRIKGDLVSKPYIDITLNLMKTFGVEIENQHYQQFVVKGGQSYQSPGTYLVE
GDASSASYFLAAAAIKGGTVKVTGIGRNSMQGDIRFADVLEKMGATICWGDDYISCTRGELNAIDMDMNHIPDAAMTIAT
AALFAKGTTTLRNIYNWRVKETDRLFAMATELRKVGAEVEEGHDYIRITPPEKLNFAEIATYNDHRMAMCFSLVALSDTP
VTILDPKCTAKTFPDYFEQLARISQAA
;
_entity_poly.pdbx_strand_id   A
#
loop_
_chem_comp.id
_chem_comp.type
_chem_comp.name
_chem_comp.formula
FMT non-polymer 'FORMIC ACID' 'C H2 O2'
GG9 non-polymer '(3R,4S,5R)-5-[(1R)-1-CARBOXY-2,2-DIFLUORO-1-(PHOSPHONOOXY)ETHOXY]-4-HYDROXY-3-(PHOSPHONOOXY)CYCLOHEX-1-ENE-1-CARBOXYLIC ACID' 'C10 H14 F2 O14 P2'
#
# COMPACT_ATOMS: atom_id res chain seq x y z
N MET A 1 -16.44 13.70 -16.72
CA MET A 1 -15.08 13.55 -16.12
C MET A 1 -14.72 14.75 -15.26
N GLU A 2 -14.64 14.53 -13.95
CA GLU A 2 -14.31 15.58 -13.01
C GLU A 2 -12.81 15.88 -13.10
N SER A 3 -12.44 17.08 -12.69
CA SER A 3 -11.04 17.48 -12.68
C SER A 3 -10.83 18.57 -11.65
N LEU A 4 -9.58 18.76 -11.27
CA LEU A 4 -9.20 19.78 -10.32
C LEU A 4 -7.98 20.50 -10.90
N THR A 5 -7.99 21.83 -10.87
CA THR A 5 -6.83 22.59 -11.35
C THR A 5 -6.10 23.20 -10.17
N LEU A 6 -4.81 22.93 -10.09
CA LEU A 6 -3.99 23.46 -9.01
C LEU A 6 -3.21 24.65 -9.53
N GLN A 7 -3.36 25.79 -8.86
CA GLN A 7 -2.60 26.98 -9.24
C GLN A 7 -1.19 26.84 -8.68
N PRO A 8 -0.21 27.57 -9.26
CA PRO A 8 1.17 27.48 -8.76
C PRO A 8 1.24 27.76 -7.25
N ILE A 9 2.08 26.98 -6.58
CA ILE A 9 2.29 27.07 -5.15
C ILE A 9 3.65 27.72 -4.94
N ALA A 10 3.66 28.90 -4.34
CA ALA A 10 4.91 29.63 -4.15
C ALA A 10 5.90 29.02 -3.15
N ARG A 11 5.37 28.43 -2.09
CA ARG A 11 6.21 27.83 -1.04
C ARG A 11 5.33 26.88 -0.21
N VAL A 12 5.93 25.84 0.38
CA VAL A 12 5.14 25.00 1.27
C VAL A 12 5.83 25.06 2.62
N ASP A 13 5.04 25.04 3.69
CA ASP A 13 5.59 25.06 5.02
C ASP A 13 4.48 24.69 5.98
N GLY A 14 4.78 23.89 7.00
CA GLY A 14 3.72 23.55 7.94
C GLY A 14 3.80 22.15 8.49
N THR A 15 2.73 21.74 9.16
CA THR A 15 2.65 20.42 9.78
C THR A 15 1.40 19.69 9.33
N ILE A 16 1.54 18.39 9.01
CA ILE A 16 0.44 17.55 8.60
C ILE A 16 0.35 16.36 9.56
N ASN A 17 -0.83 16.15 10.14
CA ASN A 17 -1.06 14.99 11.00
C ASN A 17 -1.57 13.93 10.01
N LEU A 18 -0.74 12.93 9.77
CA LEU A 18 -1.04 11.91 8.79
C LEU A 18 -2.26 11.04 8.99
N PRO A 19 -2.93 10.67 7.87
CA PRO A 19 -4.09 9.80 8.00
C PRO A 19 -3.45 8.42 8.35
N GLY A 20 -4.24 7.48 8.85
CA GLY A 20 -3.67 6.18 9.20
C GLY A 20 -3.12 5.37 8.05
N SER A 21 -2.16 4.50 8.35
CA SER A 21 -1.54 3.64 7.35
C SER A 21 -2.56 2.63 6.78
N LYS A 22 -2.73 2.62 5.46
CA LYS A 22 -3.63 1.64 4.84
C LYS A 22 -3.10 0.20 5.04
N SER A 23 -1.78 0.03 4.90
CA SER A 23 -1.18 -1.30 5.03
C SER A 23 -1.41 -1.86 6.42
N VAL A 24 -1.18 -1.02 7.43
CA VAL A 24 -1.40 -1.44 8.81
C VAL A 24 -2.88 -1.62 9.13
N SER A 25 -3.70 -0.68 8.65
CA SER A 25 -5.14 -0.71 8.93
C SER A 25 -5.82 -1.98 8.48
N ASN A 26 -5.58 -2.40 7.24
CA ASN A 26 -6.27 -3.61 6.78
C ASN A 26 -5.75 -4.90 7.38
N ARG A 27 -4.45 -4.94 7.73
CA ARG A 27 -3.91 -6.12 8.39
C ARG A 27 -4.50 -6.21 9.80
N ALA A 28 -4.57 -5.07 10.49
CA ALA A 28 -5.08 -5.05 11.86
C ALA A 28 -6.55 -5.44 11.91
N LEU A 29 -7.32 -4.98 10.93
CA LEU A 29 -8.75 -5.33 10.92
C LEU A 29 -8.97 -6.83 10.72
N LEU A 30 -8.23 -7.44 9.80
CA LEU A 30 -8.43 -8.86 9.55
C LEU A 30 -7.94 -9.68 10.74
N LEU A 31 -6.79 -9.31 11.30
CA LEU A 31 -6.29 -10.05 12.47
C LEU A 31 -7.24 -9.85 13.65
N ALA A 32 -7.78 -8.65 13.82
CA ALA A 32 -8.73 -8.43 14.92
C ALA A 32 -9.99 -9.27 14.72
N ALA A 33 -10.44 -9.41 13.47
CA ALA A 33 -11.63 -10.19 13.21
C ALA A 33 -11.42 -11.68 13.50
N LEU A 34 -10.21 -12.16 13.24
CA LEU A 34 -9.87 -13.56 13.48
C LEU A 34 -9.57 -13.84 14.94
N ALA A 35 -9.14 -12.82 15.66
CA ALA A 35 -8.74 -12.95 17.07
C ALA A 35 -9.83 -13.17 18.12
N HIS A 36 -9.38 -13.57 19.30
CA HIS A 36 -10.29 -13.75 20.41
C HIS A 36 -10.24 -12.47 21.23
N GLY A 37 -11.41 -11.91 21.52
CA GLY A 37 -11.47 -10.68 22.31
C GLY A 37 -11.82 -9.45 21.50
N LYS A 38 -11.96 -8.32 22.19
CA LYS A 38 -12.29 -7.07 21.54
C LYS A 38 -11.04 -6.23 21.33
N THR A 39 -10.85 -5.77 20.09
CA THR A 39 -9.71 -4.93 19.76
C THR A 39 -10.23 -3.53 19.48
N VAL A 40 -9.58 -2.52 20.03
CA VAL A 40 -9.95 -1.13 19.78
C VAL A 40 -8.80 -0.53 18.99
N LEU A 41 -9.05 -0.24 17.72
CA LEU A 41 -8.04 0.37 16.86
C LEU A 41 -8.25 1.88 16.84
N THR A 42 -7.17 2.64 16.98
CA THR A 42 -7.27 4.10 16.92
C THR A 42 -6.34 4.57 15.80
N ASN A 43 -6.63 5.75 15.25
CA ASN A 43 -5.92 6.32 14.11
C ASN A 43 -6.11 5.43 12.88
N LEU A 44 -7.18 4.65 12.86
CA LEU A 44 -7.50 3.81 11.70
C LEU A 44 -7.77 4.72 10.49
N LEU A 45 -7.36 4.29 9.30
CA LEU A 45 -7.58 5.08 8.10
C LEU A 45 -9.02 4.94 7.61
N ASP A 46 -9.63 6.05 7.19
CA ASP A 46 -10.95 5.97 6.57
C ASP A 46 -10.69 6.25 5.08
N SER A 47 -10.72 5.19 4.27
CA SER A 47 -10.50 5.33 2.82
C SER A 47 -11.27 4.21 2.14
N ASP A 48 -11.30 4.21 0.81
CA ASP A 48 -12.03 3.15 0.11
C ASP A 48 -11.52 1.75 0.45
N ASP A 49 -10.20 1.57 0.50
CA ASP A 49 -9.67 0.22 0.77
C ASP A 49 -10.09 -0.31 2.13
N VAL A 50 -10.14 0.57 3.14
CA VAL A 50 -10.55 0.14 4.47
C VAL A 50 -12.07 -0.10 4.50
N ARG A 51 -12.82 0.76 3.81
CA ARG A 51 -14.29 0.60 3.77
C ARG A 51 -14.66 -0.74 3.14
N HIS A 52 -13.94 -1.16 2.10
CA HIS A 52 -14.24 -2.45 1.47
C HIS A 52 -13.92 -3.59 2.41
N MET A 53 -12.84 -3.48 3.17
CA MET A 53 -12.51 -4.52 4.15
C MET A 53 -13.62 -4.58 5.23
N LEU A 54 -14.04 -3.41 5.73
CA LEU A 54 -15.08 -3.38 6.77
C LEU A 54 -16.39 -3.97 6.24
N ASN A 55 -16.73 -3.68 4.99
CA ASN A 55 -17.94 -4.22 4.38
C ASN A 55 -17.85 -5.76 4.29
N ALA A 56 -16.67 -6.28 3.98
CA ALA A 56 -16.48 -7.72 3.86
C ALA A 56 -16.62 -8.39 5.21
N LEU A 57 -16.03 -7.76 6.24
CA LEU A 57 -16.13 -8.32 7.58
C LEU A 57 -17.61 -8.32 8.01
N THR A 58 -18.34 -7.25 7.69
CA THR A 58 -19.78 -7.20 8.03
C THR A 58 -20.52 -8.35 7.37
N ALA A 59 -20.22 -8.58 6.09
CA ALA A 59 -20.90 -9.64 5.33
C ALA A 59 -20.57 -11.03 5.90
N LEU A 60 -19.37 -11.19 6.43
CA LEU A 60 -18.93 -12.46 7.00
C LEU A 60 -19.48 -12.69 8.40
N GLY A 61 -20.15 -11.69 8.96
CA GLY A 61 -20.73 -11.84 10.28
C GLY A 61 -20.00 -11.21 11.46
N VAL A 62 -18.95 -10.44 11.19
CA VAL A 62 -18.18 -9.79 12.25
C VAL A 62 -18.87 -8.51 12.72
N SER A 63 -18.92 -8.31 14.03
CA SER A 63 -19.52 -7.11 14.63
C SER A 63 -18.45 -6.10 15.02
N TYR A 64 -18.71 -4.82 14.78
CA TYR A 64 -17.77 -3.75 15.12
C TYR A 64 -18.54 -2.43 15.13
N THR A 65 -17.97 -1.40 15.74
CA THR A 65 -18.58 -0.07 15.75
C THR A 65 -17.48 0.90 15.37
N LEU A 66 -17.88 2.00 14.78
CA LEU A 66 -16.96 3.05 14.32
C LEU A 66 -17.32 4.39 14.93
N SER A 67 -16.31 5.20 15.19
CA SER A 67 -16.51 6.54 15.74
C SER A 67 -17.03 7.45 14.62
N ALA A 68 -17.44 8.66 14.98
CA ALA A 68 -17.97 9.59 13.98
C ALA A 68 -17.03 9.85 12.80
N ASP A 69 -15.73 9.94 13.06
CA ASP A 69 -14.80 10.18 11.95
C ASP A 69 -14.22 8.90 11.33
N ARG A 70 -14.71 7.77 11.82
CA ARG A 70 -14.32 6.44 11.36
C ARG A 70 -12.85 6.10 11.58
N THR A 71 -12.19 6.81 12.49
CA THR A 71 -10.79 6.51 12.79
C THR A 71 -10.64 5.67 14.07
N ARG A 72 -11.73 5.45 14.78
CA ARG A 72 -11.66 4.57 15.96
C ARG A 72 -12.64 3.42 15.69
N CYS A 73 -12.15 2.20 15.83
CA CYS A 73 -13.00 1.02 15.55
C CYS A 73 -12.88 -0.01 16.68
N GLU A 74 -14.03 -0.44 17.20
CA GLU A 74 -14.10 -1.43 18.25
C GLU A 74 -14.58 -2.74 17.59
N ILE A 75 -13.67 -3.69 17.40
CA ILE A 75 -13.97 -4.96 16.73
C ILE A 75 -14.15 -6.13 17.68
N ILE A 76 -15.23 -6.87 17.48
CA ILE A 76 -15.51 -8.06 18.31
C ILE A 76 -14.92 -9.25 17.58
N GLY A 77 -13.83 -9.79 18.12
CA GLY A 77 -13.19 -10.92 17.47
C GLY A 77 -14.08 -12.14 17.32
N ASN A 78 -13.89 -12.86 16.21
CA ASN A 78 -14.66 -14.06 15.93
C ASN A 78 -14.12 -15.27 16.69
N GLY A 79 -12.88 -15.18 17.16
CA GLY A 79 -12.33 -16.33 17.87
C GLY A 79 -12.05 -17.50 16.97
N GLY A 80 -11.47 -17.21 15.80
CA GLY A 80 -11.15 -18.25 14.85
C GLY A 80 -11.50 -17.90 13.41
N PRO A 81 -11.23 -18.80 12.45
CA PRO A 81 -11.52 -18.58 11.03
C PRO A 81 -12.93 -18.06 10.78
N LEU A 82 -13.03 -17.17 9.79
CA LEU A 82 -14.31 -16.59 9.40
C LEU A 82 -15.01 -17.55 8.44
N HIS A 83 -16.34 -17.54 8.47
CA HIS A 83 -17.07 -18.45 7.60
C HIS A 83 -18.31 -17.91 6.91
N ALA A 84 -18.55 -18.43 5.70
CA ALA A 84 -19.74 -18.10 4.94
C ALA A 84 -19.92 -19.16 3.86
N GLU A 85 -21.18 -19.41 3.49
CA GLU A 85 -21.50 -20.40 2.46
C GLU A 85 -22.37 -19.78 1.38
N GLY A 86 -22.88 -20.63 0.48
CA GLY A 86 -23.75 -20.15 -0.59
C GLY A 86 -23.11 -19.24 -1.62
N ALA A 87 -21.81 -19.42 -1.84
CA ALA A 87 -21.06 -18.62 -2.80
C ALA A 87 -21.26 -17.12 -2.56
N LEU A 88 -21.28 -16.73 -1.29
CA LEU A 88 -21.44 -15.33 -0.89
C LEU A 88 -20.39 -14.48 -1.61
N GLU A 89 -20.83 -13.43 -2.30
CA GLU A 89 -19.86 -12.57 -2.99
C GLU A 89 -19.41 -11.41 -2.13
N LEU A 90 -18.08 -11.26 -2.00
CA LEU A 90 -17.50 -10.15 -1.26
C LEU A 90 -16.88 -9.27 -2.34
N PHE A 91 -17.34 -8.03 -2.40
CA PHE A 91 -16.84 -7.06 -3.38
C PHE A 91 -15.75 -6.27 -2.66
N LEU A 92 -14.52 -6.39 -3.16
CA LEU A 92 -13.38 -5.79 -2.49
C LEU A 92 -12.77 -4.54 -3.12
N GLY A 93 -13.52 -3.93 -4.04
CA GLY A 93 -13.04 -2.72 -4.71
C GLY A 93 -11.70 -2.86 -5.39
N ASN A 94 -10.77 -1.98 -5.02
CA ASN A 94 -9.42 -2.00 -5.58
C ASN A 94 -8.40 -2.40 -4.50
N ALA A 95 -8.87 -2.98 -3.40
CA ALA A 95 -7.96 -3.27 -2.28
C ALA A 95 -7.16 -4.56 -2.31
N GLY A 96 -5.87 -4.45 -2.63
CA GLY A 96 -4.99 -5.61 -2.64
C GLY A 96 -4.85 -6.18 -1.23
N THR A 97 -4.87 -5.30 -0.23
CA THR A 97 -4.74 -5.73 1.14
C THR A 97 -6.00 -6.40 1.69
N ALA A 98 -7.08 -6.43 0.90
CA ALA A 98 -8.27 -7.19 1.30
C ALA A 98 -8.27 -8.45 0.42
N MET A 99 -8.10 -8.26 -0.89
CA MET A 99 -8.14 -9.39 -1.84
C MET A 99 -7.12 -10.50 -1.58
N ARG A 100 -5.84 -10.14 -1.43
CA ARG A 100 -4.85 -11.19 -1.24
C ARG A 100 -4.99 -11.84 0.15
N PRO A 101 -5.03 -11.04 1.23
CA PRO A 101 -5.17 -11.68 2.56
C PRO A 101 -6.45 -12.52 2.73
N LEU A 102 -7.58 -12.03 2.27
CA LEU A 102 -8.83 -12.81 2.40
C LEU A 102 -8.82 -14.05 1.49
N ALA A 103 -8.16 -13.99 0.34
CA ALA A 103 -8.11 -15.14 -0.56
C ALA A 103 -7.47 -16.30 0.18
N ALA A 104 -6.47 -15.99 1.02
CA ALA A 104 -5.83 -17.06 1.78
C ALA A 104 -6.63 -17.42 3.02
N ALA A 105 -6.97 -16.41 3.82
CA ALA A 105 -7.65 -16.70 5.09
C ALA A 105 -8.95 -17.44 4.98
N LEU A 106 -9.73 -17.15 3.95
CA LEU A 106 -11.00 -17.81 3.80
C LEU A 106 -10.92 -19.23 3.26
N CYS A 107 -9.69 -19.71 3.04
CA CYS A 107 -9.46 -21.09 2.60
C CYS A 107 -9.39 -22.00 3.83
N LEU A 108 -9.44 -21.42 5.03
CA LEU A 108 -9.40 -22.22 6.25
C LEU A 108 -10.76 -22.86 6.51
N GLY A 109 -10.75 -24.18 6.67
CA GLY A 109 -11.98 -24.89 6.94
C GLY A 109 -12.74 -25.19 5.67
N SER A 110 -14.05 -25.04 5.78
CA SER A 110 -14.95 -25.25 4.67
C SER A 110 -15.68 -23.93 4.53
N ASN A 111 -15.73 -23.44 3.30
CA ASN A 111 -16.43 -22.20 2.98
C ASN A 111 -16.86 -22.34 1.52
N ASP A 112 -17.68 -21.39 1.09
CA ASP A 112 -18.11 -21.28 -0.30
C ASP A 112 -18.35 -19.79 -0.45
N ILE A 113 -17.29 -19.09 -0.86
CA ILE A 113 -17.27 -17.65 -1.00
C ILE A 113 -16.60 -17.24 -2.29
N VAL A 114 -17.11 -16.15 -2.88
CA VAL A 114 -16.53 -15.60 -4.10
C VAL A 114 -15.95 -14.22 -3.78
N LEU A 115 -14.72 -14.00 -4.24
CA LEU A 115 -14.06 -12.71 -4.08
C LEU A 115 -13.94 -12.01 -5.44
N THR A 116 -14.41 -10.78 -5.50
CA THR A 116 -14.29 -10.02 -6.74
C THR A 116 -14.02 -8.55 -6.39
N GLY A 117 -14.04 -7.67 -7.40
CA GLY A 117 -13.79 -6.27 -7.15
C GLY A 117 -13.98 -5.45 -8.41
N GLU A 118 -13.45 -4.24 -8.43
CA GLU A 118 -13.54 -3.37 -9.61
C GLU A 118 -12.82 -4.00 -10.80
N PRO A 119 -13.13 -3.53 -12.02
CA PRO A 119 -12.49 -4.07 -13.20
C PRO A 119 -10.97 -4.18 -13.11
N ARG A 120 -10.29 -3.16 -12.57
CA ARG A 120 -8.84 -3.24 -12.49
C ARG A 120 -8.37 -4.38 -11.59
N MET A 121 -9.12 -4.67 -10.54
CA MET A 121 -8.69 -5.76 -9.66
C MET A 121 -8.67 -7.10 -10.42
N LYS A 122 -9.54 -7.23 -11.42
CA LYS A 122 -9.59 -8.45 -12.21
C LYS A 122 -8.39 -8.57 -13.14
N GLU A 123 -7.59 -7.50 -13.20
CA GLU A 123 -6.35 -7.48 -13.99
C GLU A 123 -5.09 -7.50 -13.14
N ARG A 124 -5.24 -7.61 -11.81
CA ARG A 124 -4.06 -7.67 -10.94
C ARG A 124 -3.85 -9.15 -10.62
N PRO A 125 -2.61 -9.65 -10.82
CA PRO A 125 -2.32 -11.07 -10.59
C PRO A 125 -2.49 -11.66 -9.20
N ILE A 126 -2.90 -12.92 -9.17
CA ILE A 126 -3.07 -13.62 -7.89
C ILE A 126 -2.72 -15.11 -8.02
N GLY A 127 -2.29 -15.51 -9.21
CA GLY A 127 -1.92 -16.89 -9.48
C GLY A 127 -0.87 -17.51 -8.57
N HIS A 128 0.16 -16.74 -8.26
CA HIS A 128 1.21 -17.25 -7.37
C HIS A 128 0.66 -17.61 -5.99
N LEU A 129 -0.33 -16.86 -5.49
CA LEU A 129 -0.94 -17.14 -4.19
C LEU A 129 -1.84 -18.38 -4.28
N VAL A 130 -2.65 -18.44 -5.33
CA VAL A 130 -3.53 -19.58 -5.55
C VAL A 130 -2.71 -20.87 -5.67
N ASP A 131 -1.60 -20.82 -6.41
CA ASP A 131 -0.72 -21.99 -6.54
C ASP A 131 -0.27 -22.48 -5.15
N ALA A 132 0.17 -21.54 -4.31
CA ALA A 132 0.63 -21.88 -2.97
C ALA A 132 -0.50 -22.45 -2.09
N LEU A 133 -1.66 -21.81 -2.10
CA LEU A 133 -2.79 -22.26 -1.31
C LEU A 133 -3.22 -23.68 -1.72
N ARG A 134 -3.19 -23.97 -3.01
CA ARG A 134 -3.55 -25.31 -3.49
C ARG A 134 -2.54 -26.36 -3.00
N LEU A 135 -1.26 -26.02 -2.98
CA LEU A 135 -0.26 -26.97 -2.48
C LEU A 135 -0.58 -27.33 -1.01
N GLY A 136 -1.16 -26.38 -0.29
CA GLY A 136 -1.52 -26.60 1.09
C GLY A 136 -2.88 -27.28 1.27
N GLY A 137 -3.56 -27.59 0.17
CA GLY A 137 -4.85 -28.25 0.25
C GLY A 137 -6.12 -27.52 -0.17
N ALA A 138 -6.02 -26.23 -0.43
CA ALA A 138 -7.19 -25.44 -0.78
C ALA A 138 -7.80 -25.76 -2.16
N LYS A 139 -9.13 -25.60 -2.24
CA LYS A 139 -9.88 -25.78 -3.49
C LYS A 139 -10.23 -24.36 -3.92
N ILE A 140 -9.67 -23.95 -5.07
CA ILE A 140 -9.89 -22.60 -5.60
C ILE A 140 -10.19 -22.65 -7.11
N THR A 141 -11.21 -21.91 -7.53
CA THR A 141 -11.60 -21.84 -8.94
C THR A 141 -11.53 -20.40 -9.48
N TYR A 142 -10.93 -20.25 -10.67
CA TYR A 142 -10.89 -18.98 -11.36
C TYR A 142 -12.18 -18.90 -12.16
N LEU A 143 -12.99 -17.87 -11.88
CA LEU A 143 -14.27 -17.71 -12.58
C LEU A 143 -14.16 -16.97 -13.93
N GLU A 144 -13.08 -16.23 -14.13
CA GLU A 144 -12.83 -15.53 -15.40
C GLU A 144 -11.44 -15.87 -15.91
N GLN A 145 -10.52 -14.91 -16.02
CA GLN A 145 -9.17 -15.23 -16.54
C GLN A 145 -8.35 -16.01 -15.51
N GLU A 146 -7.70 -17.06 -15.98
CA GLU A 146 -6.84 -17.89 -15.15
C GLU A 146 -5.76 -16.98 -14.57
N ASN A 147 -5.46 -17.17 -13.29
CA ASN A 147 -4.44 -16.41 -12.53
C ASN A 147 -4.86 -15.04 -12.01
N TYR A 148 -6.14 -14.71 -12.15
CA TYR A 148 -6.67 -13.43 -11.69
C TYR A 148 -8.02 -13.57 -10.99
N PRO A 149 -8.41 -12.56 -10.18
CA PRO A 149 -9.73 -12.59 -9.51
C PRO A 149 -10.67 -12.43 -10.72
N PRO A 150 -11.96 -12.77 -10.56
CA PRO A 150 -12.57 -13.28 -9.32
C PRO A 150 -12.32 -14.76 -9.03
N LEU A 151 -12.40 -15.10 -7.74
CA LEU A 151 -12.15 -16.46 -7.27
C LEU A 151 -13.31 -17.04 -6.49
N ARG A 152 -13.53 -18.35 -6.62
CA ARG A 152 -14.53 -19.03 -5.79
C ARG A 152 -13.67 -19.93 -4.87
N LEU A 153 -13.81 -19.72 -3.57
CA LEU A 153 -13.04 -20.44 -2.55
C LEU A 153 -13.91 -21.47 -1.88
N GLN A 154 -13.45 -22.71 -1.84
CA GLN A 154 -14.24 -23.74 -1.21
C GLN A 154 -13.56 -24.44 -0.03
N GLY A 155 -12.50 -23.81 0.45
CA GLY A 155 -11.79 -24.30 1.62
C GLY A 155 -10.80 -25.42 1.42
N GLY A 156 -10.33 -25.96 2.54
CA GLY A 156 -9.38 -27.06 2.50
C GLY A 156 -7.91 -26.80 2.78
N PHE A 157 -7.51 -25.55 3.05
CA PHE A 157 -6.09 -25.32 3.35
C PHE A 157 -5.80 -25.89 4.73
N THR A 158 -4.94 -26.91 4.79
CA THR A 158 -4.61 -27.54 6.08
C THR A 158 -3.16 -27.31 6.52
N GLY A 159 -2.30 -26.85 5.62
CA GLY A 159 -0.91 -26.61 5.95
C GLY A 159 0.02 -27.54 5.18
N GLY A 160 1.23 -27.74 5.68
CA GLY A 160 2.14 -28.64 4.98
C GLY A 160 3.27 -27.89 4.30
N ASN A 161 3.86 -28.50 3.28
CA ASN A 161 4.96 -27.87 2.56
C ASN A 161 4.38 -27.06 1.41
N VAL A 162 4.58 -25.74 1.50
CA VAL A 162 4.08 -24.81 0.50
C VAL A 162 5.19 -23.97 -0.10
N ASP A 163 5.22 -23.90 -1.43
CA ASP A 163 6.19 -23.06 -2.11
C ASP A 163 5.38 -21.86 -2.58
N VAL A 164 6.03 -20.70 -2.63
CA VAL A 164 5.39 -19.51 -3.15
C VAL A 164 6.39 -18.62 -3.89
N ASP A 165 5.95 -18.08 -5.03
CA ASP A 165 6.75 -17.21 -5.88
C ASP A 165 6.67 -15.81 -5.23
N GLY A 166 7.82 -15.19 -4.99
CA GLY A 166 7.82 -13.86 -4.40
C GLY A 166 8.30 -12.79 -5.37
N SER A 167 8.43 -13.15 -6.65
CA SER A 167 8.96 -12.24 -7.67
C SER A 167 8.04 -11.15 -8.20
N VAL A 168 6.74 -11.28 -7.96
CA VAL A 168 5.77 -10.31 -8.47
C VAL A 168 5.13 -9.45 -7.36
N SER A 169 4.75 -10.08 -6.26
CA SER A 169 4.16 -9.34 -5.15
C SER A 169 4.53 -9.95 -3.81
N SER A 170 4.74 -9.10 -2.81
CA SER A 170 5.00 -9.57 -1.46
C SER A 170 3.66 -9.94 -0.81
N GLN A 171 2.55 -9.49 -1.37
CA GLN A 171 1.26 -9.77 -0.75
C GLN A 171 0.86 -11.23 -0.70
N PHE A 172 1.40 -12.05 -1.59
CA PHE A 172 1.06 -13.46 -1.59
C PHE A 172 1.68 -14.11 -0.34
N LEU A 173 2.96 -13.83 -0.08
CA LEU A 173 3.61 -14.35 1.13
C LEU A 173 2.92 -13.75 2.36
N THR A 174 2.63 -12.44 2.32
CA THR A 174 1.92 -11.86 3.45
C THR A 174 0.64 -12.64 3.79
N ALA A 175 -0.16 -12.94 2.77
CA ALA A 175 -1.42 -13.66 2.96
C ALA A 175 -1.20 -15.04 3.55
N LEU A 176 -0.18 -15.74 3.07
CA LEU A 176 0.12 -17.07 3.60
C LEU A 176 0.57 -16.98 5.06
N LEU A 177 1.43 -16.01 5.37
CA LEU A 177 1.90 -15.87 6.74
C LEU A 177 0.77 -15.60 7.73
N MET A 178 -0.20 -14.76 7.35
CA MET A 178 -1.31 -14.47 8.27
C MET A 178 -2.25 -15.66 8.47
N THR A 179 -2.38 -16.48 7.43
CA THR A 179 -3.29 -17.61 7.45
C THR A 179 -2.75 -18.89 8.11
N ALA A 180 -1.51 -19.23 7.80
CA ALA A 180 -0.92 -20.48 8.28
C ALA A 180 -1.01 -20.81 9.78
N PRO A 181 -0.83 -19.81 10.65
CA PRO A 181 -0.90 -20.12 12.09
C PRO A 181 -2.20 -20.78 12.53
N LEU A 182 -3.30 -20.47 11.86
CA LEU A 182 -4.62 -21.03 12.22
C LEU A 182 -4.94 -22.36 11.56
N ALA A 183 -4.07 -22.82 10.66
CA ALA A 183 -4.28 -24.10 9.96
C ALA A 183 -3.98 -25.24 10.95
N PRO A 184 -4.63 -26.41 10.77
CA PRO A 184 -4.41 -27.54 11.68
C PRO A 184 -3.01 -28.15 11.70
N GLU A 185 -2.34 -28.17 10.55
CA GLU A 185 -1.00 -28.74 10.48
C GLU A 185 0.06 -27.64 10.37
N ASP A 186 1.30 -27.97 10.70
CA ASP A 186 2.42 -27.03 10.60
C ASP A 186 2.68 -26.75 9.10
N THR A 187 3.19 -25.57 8.79
CA THR A 187 3.47 -25.20 7.41
C THR A 187 4.89 -24.67 7.23
N VAL A 188 5.55 -25.09 6.17
CA VAL A 188 6.87 -24.57 5.88
C VAL A 188 6.65 -23.86 4.54
N ILE A 189 6.83 -22.54 4.53
CA ILE A 189 6.66 -21.75 3.31
C ILE A 189 8.02 -21.47 2.69
N ARG A 190 8.24 -21.98 1.50
CA ARG A 190 9.51 -21.80 0.80
C ARG A 190 9.39 -20.79 -0.35
N ILE A 191 10.25 -19.78 -0.35
CA ILE A 191 10.24 -18.77 -1.42
C ILE A 191 10.98 -19.37 -2.62
N LYS A 192 10.33 -19.39 -3.78
CA LYS A 192 10.95 -20.00 -4.95
C LYS A 192 12.27 -19.37 -5.36
N GLY A 193 12.31 -18.04 -5.38
CA GLY A 193 13.53 -17.35 -5.77
C GLY A 193 13.64 -15.99 -5.14
N ASP A 194 13.42 -14.94 -5.94
CA ASP A 194 13.52 -13.57 -5.43
C ASP A 194 12.26 -13.14 -4.68
N LEU A 195 12.42 -12.17 -3.81
CA LEU A 195 11.30 -11.63 -3.04
C LEU A 195 11.30 -10.10 -3.17
N VAL A 196 10.28 -9.56 -3.82
CA VAL A 196 10.21 -8.12 -3.98
C VAL A 196 9.45 -7.50 -2.81
N SER A 197 9.59 -6.18 -2.66
CA SER A 197 8.87 -5.44 -1.63
C SER A 197 9.03 -6.04 -0.25
N LYS A 198 10.24 -6.49 0.04
CA LYS A 198 10.54 -7.14 1.29
C LYS A 198 10.09 -6.41 2.56
N PRO A 199 10.15 -5.06 2.60
CA PRO A 199 9.72 -4.39 3.84
C PRO A 199 8.27 -4.60 4.24
N TYR A 200 7.41 -4.96 3.29
CA TYR A 200 6.01 -5.17 3.64
C TYR A 200 5.83 -6.46 4.41
N ILE A 201 6.76 -7.41 4.26
CA ILE A 201 6.68 -8.66 5.00
C ILE A 201 7.01 -8.32 6.46
N ASP A 202 7.87 -7.34 6.69
CA ASP A 202 8.20 -6.96 8.07
C ASP A 202 6.97 -6.34 8.72
N ILE A 203 6.17 -5.61 7.95
CA ILE A 203 4.95 -5.04 8.50
C ILE A 203 4.02 -6.18 8.95
N THR A 204 3.87 -7.18 8.08
CA THR A 204 3.02 -8.32 8.39
C THR A 204 3.46 -9.07 9.63
N LEU A 205 4.76 -9.33 9.74
CA LEU A 205 5.24 -10.06 10.91
C LEU A 205 5.07 -9.24 12.20
N ASN A 206 5.19 -7.92 12.10
CA ASN A 206 5.03 -7.03 13.25
C ASN A 206 3.56 -7.10 13.72
N LEU A 207 2.61 -7.03 12.78
CA LEU A 207 1.21 -7.10 13.17
C LEU A 207 0.86 -8.47 13.77
N MET A 208 1.36 -9.55 13.17
CA MET A 208 1.12 -10.89 13.68
C MET A 208 1.61 -11.02 15.14
N LYS A 209 2.81 -10.48 15.41
CA LYS A 209 3.38 -10.53 16.78
C LYS A 209 2.47 -9.75 17.75
N THR A 210 1.98 -8.61 17.32
CA THR A 210 1.09 -7.83 18.16
C THR A 210 -0.17 -8.61 18.56
N PHE A 211 -0.66 -9.42 17.63
CA PHE A 211 -1.82 -10.26 17.84
C PHE A 211 -1.51 -11.65 18.39
N GLY A 212 -0.30 -11.78 18.94
CA GLY A 212 0.09 -13.03 19.59
C GLY A 212 0.74 -14.18 18.85
N VAL A 213 1.27 -13.94 17.67
CA VAL A 213 1.88 -15.03 16.91
C VAL A 213 3.24 -14.73 16.33
N GLU A 214 4.16 -15.67 16.47
CA GLU A 214 5.50 -15.53 15.93
C GLU A 214 5.79 -16.77 15.10
N ILE A 215 6.67 -16.61 14.12
CA ILE A 215 7.03 -17.73 13.26
C ILE A 215 8.55 -17.72 13.12
N GLU A 216 9.10 -18.72 12.43
CA GLU A 216 10.54 -18.76 12.24
C GLU A 216 10.90 -18.24 10.85
N ASN A 217 11.58 -17.10 10.82
CA ASN A 217 11.98 -16.50 9.55
C ASN A 217 13.43 -16.85 9.24
N GLN A 218 13.63 -17.73 8.27
CA GLN A 218 14.98 -18.12 7.88
C GLN A 218 15.47 -17.27 6.71
N HIS A 219 16.06 -16.12 7.03
CA HIS A 219 16.61 -15.19 6.03
C HIS A 219 15.68 -14.89 4.86
N TYR A 220 14.40 -14.77 5.15
CA TYR A 220 13.37 -14.50 4.15
C TYR A 220 13.34 -15.49 2.98
N GLN A 221 13.90 -16.68 3.17
CA GLN A 221 13.90 -17.69 2.11
C GLN A 221 12.95 -18.81 2.46
N GLN A 222 12.70 -18.95 3.76
CA GLN A 222 11.80 -19.99 4.24
C GLN A 222 11.23 -19.61 5.58
N PHE A 223 9.93 -19.84 5.73
CA PHE A 223 9.25 -19.52 6.97
C PHE A 223 8.59 -20.76 7.55
N VAL A 224 8.95 -21.07 8.79
CA VAL A 224 8.41 -22.23 9.49
C VAL A 224 7.31 -21.75 10.42
N VAL A 225 6.11 -22.28 10.22
CA VAL A 225 4.95 -21.90 11.01
C VAL A 225 4.33 -23.09 11.74
N LYS A 226 4.04 -22.91 13.01
CA LYS A 226 3.40 -23.95 13.79
C LYS A 226 1.90 -23.76 13.64
N GLY A 227 1.17 -24.83 13.33
CA GLY A 227 -0.26 -24.70 13.19
C GLY A 227 -0.96 -24.80 14.53
N GLY A 228 -2.29 -24.68 14.50
CA GLY A 228 -3.10 -24.77 15.70
C GLY A 228 -3.05 -23.58 16.64
N GLN A 229 -2.61 -22.44 16.14
CA GLN A 229 -2.52 -21.26 16.98
C GLN A 229 -3.80 -20.46 16.92
N SER A 230 -3.84 -19.42 17.75
CA SER A 230 -4.99 -18.53 17.80
C SER A 230 -4.49 -17.10 17.96
N TYR A 231 -5.16 -16.15 17.29
CA TYR A 231 -4.77 -14.75 17.47
C TYR A 231 -5.51 -14.20 18.69
N GLN A 232 -4.86 -13.28 19.41
CA GLN A 232 -5.43 -12.68 20.61
C GLN A 232 -5.46 -11.16 20.54
N SER A 233 -6.56 -10.57 20.99
CA SER A 233 -6.68 -9.10 20.98
C SER A 233 -5.59 -8.45 21.82
N PRO A 234 -4.97 -7.37 21.31
CA PRO A 234 -3.91 -6.69 22.08
C PRO A 234 -4.51 -5.58 22.95
N GLY A 235 -5.85 -5.48 22.96
CA GLY A 235 -6.51 -4.44 23.73
C GLY A 235 -6.64 -3.26 22.80
N THR A 236 -6.02 -2.13 23.14
CA THR A 236 -6.07 -0.96 22.27
C THR A 236 -4.82 -1.03 21.41
N TYR A 237 -4.94 -0.57 20.18
CA TYR A 237 -3.82 -0.59 19.26
C TYR A 237 -3.81 0.69 18.42
N LEU A 238 -2.67 1.38 18.42
CA LEU A 238 -2.51 2.61 17.67
C LEU A 238 -1.94 2.35 16.28
N VAL A 239 -2.71 2.67 15.26
CA VAL A 239 -2.28 2.50 13.88
C VAL A 239 -1.31 3.63 13.51
N GLU A 240 -0.15 3.28 12.95
CA GLU A 240 0.85 4.28 12.52
C GLU A 240 0.23 5.18 11.43
N GLY A 241 0.72 6.41 11.32
CA GLY A 241 0.28 7.28 10.23
C GLY A 241 0.82 6.66 8.94
N ASP A 242 0.28 7.03 7.77
CA ASP A 242 0.72 6.42 6.52
C ASP A 242 2.01 7.03 5.92
N ALA A 243 3.08 6.26 5.90
CA ALA A 243 4.36 6.73 5.37
C ALA A 243 4.36 6.93 3.84
N SER A 244 3.51 6.20 3.13
CA SER A 244 3.42 6.37 1.68
C SER A 244 2.74 7.71 1.43
N SER A 245 1.67 7.99 2.18
CA SER A 245 0.97 9.26 2.05
C SER A 245 1.87 10.41 2.46
N ALA A 246 2.78 10.16 3.39
CA ALA A 246 3.69 11.20 3.85
C ALA A 246 4.66 11.63 2.74
N SER A 247 4.96 10.71 1.84
CA SER A 247 5.95 11.01 0.81
C SER A 247 5.66 12.27 0.01
N TYR A 248 4.38 12.49 -0.30
CA TYR A 248 4.01 13.67 -1.08
C TYR A 248 4.36 15.00 -0.41
N PHE A 249 4.10 15.08 0.88
CA PHE A 249 4.34 16.31 1.63
C PHE A 249 5.83 16.54 1.94
N LEU A 250 6.59 15.47 2.20
CA LEU A 250 8.02 15.61 2.45
C LEU A 250 8.69 16.04 1.13
N ALA A 251 8.28 15.45 0.01
CA ALA A 251 8.82 15.80 -1.31
C ALA A 251 8.48 17.27 -1.61
N ALA A 252 7.26 17.68 -1.27
CA ALA A 252 6.88 19.06 -1.55
C ALA A 252 7.87 20.03 -0.92
N ALA A 253 8.28 19.75 0.31
CA ALA A 253 9.26 20.62 0.99
C ALA A 253 10.64 20.53 0.34
N ALA A 254 11.04 19.34 -0.09
CA ALA A 254 12.34 19.23 -0.73
C ALA A 254 12.38 20.05 -2.01
N ILE A 255 11.23 20.20 -2.64
CA ILE A 255 11.13 20.99 -3.87
C ILE A 255 10.90 22.50 -3.64
N LYS A 256 9.97 22.82 -2.73
CA LYS A 256 9.53 24.21 -2.56
C LYS A 256 9.42 24.72 -1.13
N GLY A 257 10.10 24.08 -0.17
CA GLY A 257 10.04 24.54 1.20
C GLY A 257 11.04 25.67 1.46
N GLY A 258 11.09 26.19 2.68
CA GLY A 258 10.21 25.76 3.76
C GLY A 258 10.54 24.44 4.42
N THR A 259 9.83 24.19 5.51
CA THR A 259 9.94 22.96 6.27
C THR A 259 8.53 22.36 6.42
N VAL A 260 8.40 21.08 6.10
CA VAL A 260 7.13 20.39 6.28
C VAL A 260 7.39 19.22 7.22
N LYS A 261 6.61 19.18 8.29
CA LYS A 261 6.69 18.12 9.29
C LYS A 261 5.43 17.24 9.20
N VAL A 262 5.63 15.92 9.17
CA VAL A 262 4.48 15.02 9.16
C VAL A 262 4.51 14.28 10.49
N THR A 263 3.35 14.18 11.14
CA THR A 263 3.31 13.48 12.43
C THR A 263 2.55 12.17 12.33
N GLY A 264 2.89 11.24 13.21
CA GLY A 264 2.24 9.94 13.19
C GLY A 264 3.20 8.84 12.77
N ILE A 265 4.36 9.23 12.23
CA ILE A 265 5.40 8.27 11.87
C ILE A 265 6.70 8.90 12.35
N GLY A 266 7.69 8.06 12.64
CA GLY A 266 8.98 8.53 13.13
C GLY A 266 10.06 7.50 12.90
N ARG A 267 11.19 7.65 13.59
CA ARG A 267 12.30 6.74 13.39
C ARG A 267 12.06 5.28 13.75
N ASN A 268 11.04 5.03 14.57
CA ASN A 268 10.70 3.69 15.03
C ASN A 268 9.62 3.01 14.15
N SER A 269 9.11 3.72 13.15
CA SER A 269 8.05 3.11 12.32
C SER A 269 8.39 1.79 11.66
N MET A 270 7.38 0.93 11.54
CA MET A 270 7.56 -0.37 10.92
C MET A 270 7.45 -0.32 9.40
N GLN A 271 6.97 0.81 8.86
CA GLN A 271 6.80 0.93 7.41
C GLN A 271 8.07 1.20 6.64
N GLY A 272 8.28 0.44 5.57
CA GLY A 272 9.48 0.66 4.79
C GLY A 272 9.51 2.01 4.08
N ASP A 273 8.35 2.63 3.84
CA ASP A 273 8.40 3.92 3.13
C ASP A 273 9.00 5.09 3.90
N ILE A 274 9.30 4.92 5.20
CA ILE A 274 9.97 6.02 5.88
C ILE A 274 11.37 6.18 5.23
N ARG A 275 11.88 5.13 4.57
CA ARG A 275 13.18 5.24 3.91
C ARG A 275 13.16 6.21 2.72
N PHE A 276 11.96 6.67 2.36
CA PHE A 276 11.79 7.66 1.29
C PHE A 276 12.55 8.91 1.75
N ALA A 277 12.48 9.19 3.04
CA ALA A 277 13.19 10.37 3.57
C ALA A 277 14.68 10.28 3.28
N ASP A 278 15.24 9.07 3.38
CA ASP A 278 16.66 8.93 3.09
C ASP A 278 16.99 9.24 1.61
N VAL A 279 16.06 8.96 0.71
CA VAL A 279 16.29 9.31 -0.69
C VAL A 279 16.27 10.84 -0.84
N LEU A 280 15.34 11.53 -0.18
CA LEU A 280 15.34 12.99 -0.31
C LEU A 280 16.67 13.56 0.24
N GLU A 281 17.20 12.96 1.30
CA GLU A 281 18.45 13.42 1.89
C GLU A 281 19.59 13.19 0.88
N LYS A 282 19.53 12.06 0.17
CA LYS A 282 20.56 11.78 -0.83
C LYS A 282 20.49 12.78 -1.98
N MET A 283 19.30 13.33 -2.23
CA MET A 283 19.11 14.31 -3.31
C MET A 283 19.52 15.72 -2.91
N GLY A 284 19.67 15.95 -1.61
CA GLY A 284 20.08 17.28 -1.18
C GLY A 284 19.20 17.98 -0.16
N ALA A 285 18.12 17.34 0.26
CA ALA A 285 17.24 17.96 1.25
C ALA A 285 17.74 17.66 2.66
N THR A 286 17.23 18.40 3.66
CA THR A 286 17.60 18.21 5.05
C THR A 286 16.44 17.49 5.75
N ILE A 287 16.74 16.41 6.46
CA ILE A 287 15.71 15.62 7.15
C ILE A 287 15.93 15.63 8.67
N CYS A 288 14.84 15.75 9.41
CA CYS A 288 14.88 15.71 10.87
C CYS A 288 13.98 14.58 11.32
N TRP A 289 14.50 13.74 12.21
CA TRP A 289 13.76 12.61 12.72
C TRP A 289 13.33 12.76 14.18
N GLY A 290 12.11 12.34 14.46
CA GLY A 290 11.61 12.40 15.83
C GLY A 290 10.98 11.07 16.17
N ASP A 291 10.45 10.95 17.38
CA ASP A 291 9.81 9.71 17.73
C ASP A 291 8.46 9.61 17.03
N ASP A 292 7.79 10.76 16.89
CA ASP A 292 6.49 10.77 16.24
C ASP A 292 6.36 11.77 15.10
N TYR A 293 7.48 12.08 14.45
CA TYR A 293 7.44 12.97 13.29
C TYR A 293 8.68 12.78 12.42
N ILE A 294 8.57 13.20 11.15
CA ILE A 294 9.71 13.25 10.24
C ILE A 294 9.51 14.59 9.57
N SER A 295 10.57 15.39 9.44
CA SER A 295 10.37 16.66 8.75
C SER A 295 11.41 16.80 7.65
N CYS A 296 11.08 17.60 6.64
CA CYS A 296 11.97 17.83 5.53
C CYS A 296 12.09 19.33 5.30
N THR A 297 13.32 19.80 5.12
CA THR A 297 13.56 21.22 4.85
C THR A 297 14.30 21.32 3.51
N ARG A 298 13.87 22.28 2.69
CA ARG A 298 14.48 22.53 1.40
C ARG A 298 16.00 22.75 1.51
N GLY A 299 16.73 22.08 0.64
CA GLY A 299 18.17 22.26 0.57
C GLY A 299 18.38 22.48 -0.92
N GLU A 300 18.81 21.41 -1.59
CA GLU A 300 18.94 21.44 -3.03
C GLU A 300 18.38 20.11 -3.51
N LEU A 301 18.31 19.93 -4.83
CA LEU A 301 17.74 18.71 -5.36
C LEU A 301 18.55 18.27 -6.58
N ASN A 302 19.29 17.19 -6.38
CA ASN A 302 20.14 16.60 -7.39
C ASN A 302 19.61 15.24 -7.78
N ALA A 303 19.76 14.92 -9.06
CA ALA A 303 19.29 13.64 -9.59
C ALA A 303 20.03 12.45 -8.95
N ILE A 304 19.36 11.31 -8.92
CA ILE A 304 19.95 10.08 -8.39
C ILE A 304 19.65 8.91 -9.32
N ASP A 305 20.39 7.82 -9.12
CA ASP A 305 20.26 6.59 -9.89
C ASP A 305 20.30 5.51 -8.80
N MET A 306 19.12 4.97 -8.50
CA MET A 306 18.95 4.00 -7.41
C MET A 306 17.99 2.85 -7.66
N ASP A 307 18.26 1.72 -7.00
CA ASP A 307 17.40 0.54 -7.04
C ASP A 307 16.30 0.91 -6.01
N MET A 308 15.04 0.94 -6.45
CA MET A 308 13.93 1.34 -5.58
C MET A 308 13.00 0.22 -5.17
N ASN A 309 13.46 -1.03 -5.31
CA ASN A 309 12.59 -2.16 -4.97
C ASN A 309 12.04 -2.17 -3.53
N HIS A 310 12.78 -1.56 -2.61
CA HIS A 310 12.36 -1.53 -1.20
C HIS A 310 11.28 -0.49 -0.91
N ILE A 311 11.03 0.42 -1.84
CA ILE A 311 10.00 1.47 -1.63
C ILE A 311 9.29 1.74 -2.97
N PRO A 312 8.65 0.71 -3.54
CA PRO A 312 7.99 0.89 -4.82
C PRO A 312 6.94 2.00 -4.94
N ASP A 313 6.13 2.19 -3.90
CA ASP A 313 5.09 3.22 -3.97
C ASP A 313 5.66 4.62 -3.78
N ALA A 314 6.41 4.83 -2.70
CA ALA A 314 7.01 6.13 -2.50
C ALA A 314 8.00 6.48 -3.64
N ALA A 315 8.52 5.47 -4.34
CA ALA A 315 9.44 5.76 -5.45
C ALA A 315 8.73 6.57 -6.55
N MET A 316 7.42 6.37 -6.70
CA MET A 316 6.70 7.13 -7.72
C MET A 316 6.83 8.63 -7.42
N THR A 317 6.84 8.99 -6.14
CA THR A 317 6.94 10.39 -5.73
C THR A 317 8.29 10.95 -6.17
N ILE A 318 9.34 10.12 -6.16
CA ILE A 318 10.64 10.61 -6.65
C ILE A 318 10.56 10.86 -8.18
N ALA A 319 9.77 10.06 -8.91
CA ALA A 319 9.65 10.29 -10.36
C ALA A 319 9.12 11.70 -10.70
N THR A 320 8.14 12.24 -9.96
CA THR A 320 7.73 13.60 -10.29
C THR A 320 8.64 14.65 -9.64
N ALA A 321 9.22 14.32 -8.47
CA ALA A 321 10.14 15.26 -7.83
C ALA A 321 11.36 15.46 -8.74
N ALA A 322 11.70 14.43 -9.51
CA ALA A 322 12.83 14.47 -10.45
C ALA A 322 12.68 15.59 -11.48
N LEU A 323 11.45 16.05 -11.73
CA LEU A 323 11.22 17.15 -12.67
C LEU A 323 11.92 18.42 -12.18
N PHE A 324 12.20 18.48 -10.88
CA PHE A 324 12.81 19.65 -10.27
C PHE A 324 14.28 19.47 -9.88
N ALA A 325 14.83 18.30 -10.15
CA ALA A 325 16.21 18.00 -9.80
C ALA A 325 17.19 18.36 -10.90
N LYS A 326 18.45 18.50 -10.51
CA LYS A 326 19.52 18.80 -11.45
C LYS A 326 20.09 17.48 -11.97
N GLY A 327 19.92 17.24 -13.26
CA GLY A 327 20.43 16.02 -13.87
C GLY A 327 19.33 15.02 -14.19
N THR A 328 19.75 13.87 -14.69
CA THR A 328 18.88 12.78 -15.08
C THR A 328 18.72 11.75 -13.96
N THR A 329 17.48 11.49 -13.56
CA THR A 329 17.18 10.52 -12.52
C THR A 329 16.78 9.17 -13.11
N THR A 330 17.32 8.10 -12.53
CA THR A 330 16.98 6.75 -12.96
C THR A 330 16.52 5.92 -11.76
N LEU A 331 15.31 5.35 -11.84
CA LEU A 331 14.75 4.51 -10.77
C LEU A 331 14.73 3.08 -11.33
N ARG A 332 15.42 2.16 -10.65
CA ARG A 332 15.56 0.78 -11.12
C ARG A 332 14.91 -0.29 -10.27
N ASN A 333 14.76 -1.48 -10.87
CA ASN A 333 14.20 -2.65 -10.20
C ASN A 333 12.79 -2.42 -9.66
N ILE A 334 11.95 -1.86 -10.52
CA ILE A 334 10.55 -1.57 -10.18
C ILE A 334 9.54 -2.18 -11.14
N TYR A 335 9.83 -3.38 -11.61
CA TYR A 335 8.92 -4.06 -12.53
C TYR A 335 7.47 -4.09 -12.07
N ASN A 336 7.22 -4.44 -10.80
CA ASN A 336 5.83 -4.56 -10.40
C ASN A 336 4.96 -3.30 -10.41
N TRP A 337 5.56 -2.18 -10.78
CA TRP A 337 4.80 -0.95 -10.99
C TRP A 337 3.79 -1.32 -12.10
N ARG A 338 4.19 -2.26 -12.97
CA ARG A 338 3.32 -2.65 -14.10
C ARG A 338 2.04 -3.40 -13.75
N VAL A 339 1.96 -3.96 -12.55
CA VAL A 339 0.79 -4.78 -12.17
C VAL A 339 -0.02 -4.25 -10.99
N LYS A 340 0.02 -2.96 -10.77
CA LYS A 340 -0.71 -2.39 -9.66
C LYS A 340 -1.99 -1.64 -10.08
N GLU A 341 -2.29 -0.45 -9.53
CA GLU A 341 -3.54 0.22 -9.90
C GLU A 341 -3.65 0.52 -11.38
N THR A 342 -2.50 0.55 -12.05
CA THR A 342 -2.42 0.69 -13.50
C THR A 342 -1.02 0.24 -13.84
N ASP A 343 -0.65 0.22 -15.11
CA ASP A 343 0.75 -0.12 -15.43
C ASP A 343 1.40 1.23 -15.16
N ARG A 344 2.05 1.36 -14.01
CA ARG A 344 2.63 2.63 -13.60
C ARG A 344 3.87 3.07 -14.38
N LEU A 345 4.59 2.14 -14.99
CA LEU A 345 5.73 2.57 -15.79
C LEU A 345 5.21 3.24 -17.07
N PHE A 346 4.18 2.65 -17.68
CA PHE A 346 3.60 3.24 -18.88
C PHE A 346 2.95 4.60 -18.52
N ALA A 347 2.14 4.60 -17.47
CA ALA A 347 1.44 5.81 -17.05
C ALA A 347 2.38 6.96 -16.63
N MET A 348 3.33 6.65 -15.76
CA MET A 348 4.25 7.69 -15.31
C MET A 348 5.05 8.26 -16.51
N ALA A 349 5.57 7.41 -17.38
CA ALA A 349 6.32 7.96 -18.51
C ALA A 349 5.44 8.83 -19.40
N THR A 350 4.22 8.38 -19.69
CA THR A 350 3.30 9.11 -20.55
C THR A 350 2.98 10.49 -19.99
N GLU A 351 2.58 10.55 -18.72
CA GLU A 351 2.21 11.83 -18.13
C GLU A 351 3.41 12.75 -17.89
N LEU A 352 4.58 12.20 -17.54
CA LEU A 352 5.77 13.05 -17.33
C LEU A 352 6.15 13.74 -18.66
N ARG A 353 6.00 13.04 -19.78
CA ARG A 353 6.38 13.65 -21.06
C ARG A 353 5.43 14.79 -21.39
N LYS A 354 4.21 14.71 -20.89
CA LYS A 354 3.21 15.73 -21.19
C LYS A 354 3.54 17.08 -20.59
N VAL A 355 4.29 17.10 -19.48
CA VAL A 355 4.68 18.37 -18.86
C VAL A 355 6.09 18.80 -19.33
N GLY A 356 6.66 18.07 -20.30
CA GLY A 356 7.95 18.44 -20.85
C GLY A 356 9.19 17.57 -20.66
N ALA A 357 9.13 16.56 -19.82
CA ALA A 357 10.30 15.73 -19.60
C ALA A 357 10.61 14.76 -20.74
N GLU A 358 11.89 14.39 -20.87
CA GLU A 358 12.32 13.37 -21.83
C GLU A 358 12.39 12.14 -20.94
N VAL A 359 11.72 11.07 -21.34
CA VAL A 359 11.65 9.88 -20.51
C VAL A 359 11.89 8.58 -21.26
N GLU A 360 12.74 7.73 -20.68
CA GLU A 360 12.97 6.41 -21.24
C GLU A 360 12.19 5.45 -20.36
N GLU A 361 11.20 4.77 -20.95
CA GLU A 361 10.40 3.81 -20.21
C GLU A 361 11.08 2.44 -20.38
N GLY A 362 11.86 2.02 -19.39
CA GLY A 362 12.49 0.72 -19.43
C GLY A 362 11.50 -0.36 -19.00
N HIS A 363 11.86 -1.62 -19.23
CA HIS A 363 10.94 -2.66 -18.84
C HIS A 363 10.70 -2.69 -17.34
N ASP A 364 11.74 -2.41 -16.57
CA ASP A 364 11.65 -2.41 -15.13
C ASP A 364 12.40 -1.26 -14.46
N TYR A 365 12.50 -0.14 -15.18
CA TYR A 365 13.16 1.06 -14.67
C TYR A 365 12.62 2.26 -15.44
N ILE A 366 12.85 3.47 -14.95
CA ILE A 366 12.42 4.66 -15.69
C ILE A 366 13.58 5.68 -15.58
N ARG A 367 13.89 6.36 -16.68
CA ARG A 367 14.97 7.36 -16.72
C ARG A 367 14.31 8.66 -17.12
N ILE A 368 14.53 9.68 -16.30
CA ILE A 368 13.88 10.98 -16.47
C ILE A 368 14.83 12.16 -16.57
N THR A 369 14.74 12.88 -17.69
CA THR A 369 15.55 14.09 -17.90
C THR A 369 14.55 15.25 -17.89
N PRO A 370 14.65 16.12 -16.88
CA PRO A 370 13.72 17.24 -16.80
C PRO A 370 13.88 18.33 -17.85
N PRO A 371 12.79 19.04 -18.16
CA PRO A 371 12.90 20.10 -19.16
C PRO A 371 13.45 21.37 -18.49
N GLU A 372 13.84 22.34 -19.30
CA GLU A 372 14.32 23.61 -18.75
C GLU A 372 13.17 24.25 -17.96
N LYS A 373 11.96 24.19 -18.49
CA LYS A 373 10.80 24.70 -17.79
C LYS A 373 9.61 23.79 -18.10
N LEU A 374 8.74 23.62 -17.12
CA LEU A 374 7.58 22.75 -17.29
C LEU A 374 6.50 23.47 -18.05
N ASN A 375 5.62 22.70 -18.69
CA ASN A 375 4.49 23.29 -19.41
C ASN A 375 3.20 22.73 -18.85
N PHE A 376 2.09 23.38 -19.17
CA PHE A 376 0.80 22.92 -18.68
C PHE A 376 0.38 21.60 -19.30
N ALA A 377 -0.31 20.79 -18.51
CA ALA A 377 -0.89 19.55 -19.02
C ALA A 377 -2.12 19.19 -18.21
N GLU A 378 -3.05 18.48 -18.87
CA GLU A 378 -4.23 17.93 -18.21
C GLU A 378 -3.75 16.49 -17.97
N ILE A 379 -3.52 16.14 -16.72
CA ILE A 379 -2.99 14.83 -16.35
C ILE A 379 -4.02 13.70 -16.23
N ALA A 380 -3.81 12.62 -16.99
CA ALA A 380 -4.68 11.44 -16.89
C ALA A 380 -4.20 10.67 -15.65
N THR A 381 -5.14 10.16 -14.86
CA THR A 381 -4.79 9.46 -13.63
C THR A 381 -5.01 7.95 -13.57
N TYR A 382 -5.59 7.37 -14.62
CA TYR A 382 -5.69 5.90 -14.72
C TYR A 382 -6.35 5.21 -13.52
N ASN A 383 -7.28 5.91 -12.87
CA ASN A 383 -7.97 5.38 -11.69
C ASN A 383 -6.97 4.97 -10.61
N ASP A 384 -5.81 5.61 -10.61
CA ASP A 384 -4.73 5.31 -9.68
C ASP A 384 -4.46 6.48 -8.73
N HIS A 385 -4.81 6.30 -7.45
CA HIS A 385 -4.60 7.33 -6.43
C HIS A 385 -3.20 7.94 -6.46
N ARG A 386 -2.16 7.14 -6.70
CA ARG A 386 -0.82 7.71 -6.68
C ARG A 386 -0.50 8.56 -7.91
N MET A 387 -1.16 8.30 -9.04
CA MET A 387 -0.90 9.19 -10.18
C MET A 387 -1.41 10.61 -9.84
N ALA A 388 -2.58 10.71 -9.24
CA ALA A 388 -3.10 12.01 -8.86
C ALA A 388 -2.22 12.71 -7.81
N MET A 389 -1.77 11.99 -6.80
CA MET A 389 -0.97 12.62 -5.77
C MET A 389 0.43 12.97 -6.27
N CYS A 390 1.03 12.10 -7.08
CA CYS A 390 2.36 12.41 -7.61
C CYS A 390 2.32 13.66 -8.51
N PHE A 391 1.33 13.74 -9.38
CA PHE A 391 1.32 14.87 -10.30
C PHE A 391 0.86 16.20 -9.70
N SER A 392 0.27 16.15 -8.51
CA SER A 392 -0.09 17.39 -7.81
C SER A 392 1.20 18.22 -7.58
N LEU A 393 2.38 17.58 -7.50
CA LEU A 393 3.65 18.29 -7.23
C LEU A 393 4.08 19.17 -8.40
N VAL A 394 3.47 18.98 -9.58
CA VAL A 394 3.82 19.80 -10.74
C VAL A 394 3.50 21.27 -10.45
N ALA A 395 2.53 21.51 -9.59
CA ALA A 395 2.13 22.88 -9.24
C ALA A 395 3.14 23.62 -8.37
N LEU A 396 4.23 22.95 -7.96
CA LEU A 396 5.26 23.60 -7.16
C LEU A 396 6.23 24.21 -8.15
N SER A 397 5.68 24.90 -9.12
CA SER A 397 6.47 25.49 -10.20
C SER A 397 5.76 26.73 -10.68
N ASP A 398 6.14 27.23 -11.85
CA ASP A 398 5.48 28.42 -12.38
C ASP A 398 4.22 28.10 -13.18
N THR A 399 3.91 26.81 -13.36
CA THR A 399 2.74 26.46 -14.15
C THR A 399 1.66 25.74 -13.40
N PRO A 400 0.39 26.01 -13.75
CA PRO A 400 -0.70 25.31 -13.08
C PRO A 400 -0.72 23.90 -13.70
N VAL A 401 -1.51 23.02 -13.12
CA VAL A 401 -1.67 21.66 -13.65
C VAL A 401 -3.12 21.27 -13.39
N THR A 402 -3.72 20.53 -14.32
CA THR A 402 -5.09 20.06 -14.13
C THR A 402 -5.00 18.54 -13.97
N ILE A 403 -5.61 18.05 -12.88
CA ILE A 403 -5.58 16.62 -12.53
C ILE A 403 -6.98 16.03 -12.80
N LEU A 404 -7.06 15.04 -13.68
CA LEU A 404 -8.37 14.43 -13.95
C LEU A 404 -8.74 13.44 -12.83
N ASP A 405 -10.04 13.33 -12.56
CA ASP A 405 -10.58 12.40 -11.57
C ASP A 405 -9.84 12.49 -10.23
N PRO A 406 -9.76 13.68 -9.64
CA PRO A 406 -9.08 13.87 -8.35
C PRO A 406 -9.58 12.99 -7.21
N LYS A 407 -10.84 12.57 -7.27
CA LYS A 407 -11.39 11.72 -6.20
C LYS A 407 -10.77 10.31 -6.17
N CYS A 408 -9.96 9.95 -7.17
CA CYS A 408 -9.38 8.61 -7.14
C CYS A 408 -8.39 8.52 -5.99
N THR A 409 -8.03 9.66 -5.39
CA THR A 409 -7.11 9.58 -4.25
C THR A 409 -7.78 8.88 -3.08
N ALA A 410 -9.10 8.76 -3.10
CA ALA A 410 -9.82 8.13 -1.99
C ALA A 410 -9.46 6.68 -1.68
N LYS A 411 -8.75 6.00 -2.59
CA LYS A 411 -8.31 4.65 -2.32
C LYS A 411 -7.58 4.61 -0.96
N THR A 412 -6.72 5.62 -0.72
CA THR A 412 -5.96 5.72 0.54
C THR A 412 -5.97 7.08 1.22
N PHE A 413 -6.49 8.12 0.56
CA PHE A 413 -6.37 9.45 1.13
C PHE A 413 -7.44 10.40 0.57
N PRO A 414 -8.68 10.25 1.05
CA PRO A 414 -9.78 11.11 0.60
C PRO A 414 -9.50 12.61 0.72
N ASP A 415 -8.86 13.03 1.80
CA ASP A 415 -8.58 14.45 2.00
C ASP A 415 -7.23 14.95 1.48
N TYR A 416 -6.63 14.22 0.55
CA TYR A 416 -5.33 14.65 0.05
C TYR A 416 -5.19 16.13 -0.37
N PHE A 417 -6.09 16.60 -1.25
CA PHE A 417 -5.92 17.95 -1.75
C PHE A 417 -6.13 19.02 -0.69
N GLU A 418 -6.99 18.74 0.28
CA GLU A 418 -7.21 19.68 1.37
C GLU A 418 -5.90 19.77 2.21
N GLN A 419 -5.26 18.62 2.45
CA GLN A 419 -4.02 18.61 3.21
C GLN A 419 -2.87 19.31 2.45
N LEU A 420 -2.77 19.10 1.13
CA LEU A 420 -1.72 19.77 0.34
C LEU A 420 -1.98 21.29 0.43
N ALA A 421 -3.25 21.71 0.36
CA ALA A 421 -3.58 23.12 0.44
C ALA A 421 -3.22 23.69 1.81
N ARG A 422 -3.32 22.88 2.84
CA ARG A 422 -3.00 23.37 4.19
C ARG A 422 -1.55 23.84 4.32
N ILE A 423 -0.62 23.20 3.62
CA ILE A 423 0.78 23.59 3.67
C ILE A 423 1.20 24.51 2.52
N SER A 424 0.28 24.79 1.59
CA SER A 424 0.60 25.66 0.45
C SER A 424 0.47 27.12 0.91
N GLN A 425 1.54 27.91 0.70
CA GLN A 425 1.61 29.33 1.10
C GLN A 425 1.84 30.20 -0.14
N ALA A 426 1.35 31.43 -0.08
CA ALA A 426 1.50 32.33 -1.24
C ALA A 426 2.81 33.12 -1.16
N ALA A 427 3.36 33.18 0.05
CA ALA A 427 4.60 33.90 0.30
C ALA A 427 5.59 32.97 0.98
C1 GG9 B . 1.34 -3.54 0.10
C2 GG9 B . 2.54 -3.95 -0.56
C3 GG9 B . 2.92 -3.30 -1.89
C4 GG9 B . 2.23 -1.88 -2.09
C5 GG9 B . 0.69 -2.02 -1.94
C6 GG9 B . 0.43 -2.48 -0.46
C7 GG9 B . 0.98 -4.18 1.41
O1 GG9 B . 2.59 -4.30 -3.04
O2 GG9 B . 2.62 -1.41 -3.40
O3 GG9 B . 0.07 -0.76 -2.19
O4 GG9 B . 1.30 -5.34 1.58
O5 GG9 B . 0.46 -3.48 2.23
P1 GG9 B . 3.67 -5.40 -3.66
O6 GG9 B . 4.07 -6.32 -2.49
O7 GG9 B . 4.87 -4.53 -4.22
O8 GG9 B . 2.79 -6.11 -4.72
C8 GG9 B . -0.71 -0.47 -3.38
C9 GG9 B . -0.18 -1.02 -4.79
C10 GG9 B . -0.84 1.02 -3.49
O9 GG9 B . -1.33 1.51 -2.40
O10 GG9 B . -0.50 1.71 -4.47
P2 GG9 B . -2.81 -2.43 -2.89
O11 GG9 B . -4.19 -2.43 -3.57
O12 GG9 B . -2.92 -2.48 -1.40
O13 GG9 B . -1.93 -3.58 -3.46
O14 GG9 B . -2.10 -0.97 -3.18
F1 GG9 B . 0.12 -2.27 -4.77
F2 GG9 B . -1.01 -0.73 -5.77
C FMT C . 9.04 25.59 -13.80
O1 FMT C . 9.52 24.99 -14.78
O2 FMT C . 7.99 26.26 -13.86
C FMT D . -6.07 7.29 -18.16
O1 FMT D . -6.78 7.66 -17.19
O2 FMT D . -6.35 7.56 -19.36
C FMT E . -8.88 23.49 -16.71
O1 FMT E . -9.91 23.69 -17.41
O2 FMT E . -7.87 22.93 -17.16
C FMT F . -20.71 -4.82 11.67
O1 FMT F . -21.16 -4.68 12.82
O2 FMT F . -21.28 -4.38 10.64
C FMT G . 17.82 22.01 -7.67
O1 FMT G . 18.35 22.35 -6.58
O2 FMT G . 17.67 22.80 -8.62
C FMT H . -15.93 3.37 18.13
O1 FMT H . -15.41 4.34 18.72
O2 FMT H . -17.14 3.04 18.29
C FMT I . 6.77 23.85 9.91
O1 FMT I . 7.54 24.76 9.53
O2 FMT I . 7.15 22.70 10.24
C FMT J . 13.84 -1.43 4.60
O1 FMT J . 13.03 -0.89 5.39
O2 FMT J . 14.29 -0.85 3.59
C FMT K . 10.41 -8.96 -14.71
O1 FMT K . 9.97 -9.82 -13.91
O2 FMT K . 10.02 -8.88 -15.89
C FMT L . -2.43 -30.94 -1.05
O1 FMT L . -3.10 -30.61 -2.05
O2 FMT L . -2.94 -31.54 -0.08
C FMT M . -7.66 10.99 5.01
O1 FMT M . -8.05 10.87 6.19
O2 FMT M . -8.36 11.48 4.12
C FMT N . -1.23 11.41 14.62
O1 FMT N . -0.40 11.96 13.85
O2 FMT N . -1.17 10.19 14.92
C FMT O . 15.76 10.32 -20.85
O1 FMT O . 15.89 9.30 -21.56
O2 FMT O . 16.51 10.56 -19.90
C FMT P . -13.68 1.67 -4.65
O1 FMT P . -14.56 1.08 -5.32
O2 FMT P . -12.45 1.57 -4.91
#